data_3LP5
#
_entry.id   3LP5
#
_cell.length_a   51.680
_cell.length_b   122.154
_cell.length_c   38.659
_cell.angle_alpha   90.00
_cell.angle_beta   90.00
_cell.angle_gamma   90.00
#
_symmetry.space_group_name_H-M   'P 21 21 2'
#
loop_
_entity.id
_entity.type
_entity.pdbx_description
1 polymer 'Putative cell surface hydrolase'
2 non-polymer 'SODIUM ION'
3 water water
#
_entity_poly.entity_id   1
_entity_poly.type   'polypeptide(L)'
_entity_poly.pdbx_seq_one_letter_code
;ATRMAPVIMVPGSSASQNRFDSLITELGKETPKKHSVLKLTVQTDGTIKYSGSIAANDNEPFIVIGFANNRDGKANIDKQ
AVWLNTAFKALVKTYHFNHFYALGHSNGGLIWTLFLERYLKESPKVHIDRLMTIASPYNMESTSTTAKTSMFKELYRYRT
GLPESLTVYSIAGTENYTSDGTVPYNSVNYGKYIFQDQVKHFTEITVTGANTAHSDLPQNKQIVSLIRQYLLAETMPDKV
RQKNAQRVQN
;
_entity_poly.pdbx_strand_id   A
#
loop_
_chem_comp.id
_chem_comp.type
_chem_comp.name
_chem_comp.formula
NA non-polymer 'SODIUM ION' 'Na 1'
#
# COMPACT_ATOMS: atom_id res chain seq x y z
N ALA A 1 23.83 1.49 -2.54
CA ALA A 1 22.43 0.97 -2.82
C ALA A 1 22.43 -0.37 -3.58
N THR A 2 21.74 -1.37 -3.00
CA THR A 2 21.71 -2.75 -3.52
C THR A 2 21.00 -2.88 -4.87
N ARG A 3 21.28 -3.98 -5.58
CA ARG A 3 20.67 -4.19 -6.89
C ARG A 3 19.22 -4.61 -6.79
N MET A 4 18.87 -5.46 -5.81
CA MET A 4 17.46 -5.84 -5.60
C MET A 4 16.73 -4.73 -4.86
N ALA A 5 15.60 -4.27 -5.42
CA ALA A 5 14.63 -3.46 -4.67
C ALA A 5 13.22 -3.99 -4.90
N PRO A 6 12.69 -4.73 -3.92
CA PRO A 6 11.44 -5.45 -4.13
C PRO A 6 10.28 -4.46 -4.05
N VAL A 7 9.14 -4.77 -4.68
CA VAL A 7 7.94 -4.02 -4.45
C VAL A 7 7.09 -4.86 -3.46
N ILE A 8 6.95 -4.41 -2.22
CA ILE A 8 6.23 -5.16 -1.17
C ILE A 8 4.76 -4.74 -1.06
N MET A 9 3.81 -5.68 -1.26
CA MET A 9 2.39 -5.34 -1.43
C MET A 9 1.59 -5.98 -0.31
N VAL A 10 0.70 -5.20 0.30
CA VAL A 10 -0.06 -5.64 1.48
C VAL A 10 -1.50 -5.33 1.21
N PRO A 11 -2.32 -6.36 1.20
CA PRO A 11 -3.69 -6.17 0.84
C PRO A 11 -4.55 -5.89 2.11
N GLY A 12 -5.85 -5.74 1.95
CA GLY A 12 -6.77 -5.42 3.04
C GLY A 12 -7.61 -6.62 3.44
N SER A 13 -8.86 -6.38 3.80
CA SER A 13 -9.74 -7.47 4.23
C SER A 13 -10.30 -8.30 3.07
N SER A 14 -10.99 -9.38 3.40
CA SER A 14 -11.39 -10.28 2.33
C SER A 14 -12.39 -9.72 1.29
N ALA A 15 -13.24 -8.78 1.69
CA ALA A 15 -14.13 -8.06 0.74
C ALA A 15 -13.35 -7.46 -0.43
N SER A 16 -12.13 -7.02 -0.19
CA SER A 16 -11.37 -6.36 -1.23
C SER A 16 -10.30 -7.28 -1.88
N GLN A 17 -10.31 -8.56 -1.49
CA GLN A 17 -9.34 -9.57 -2.05
C GLN A 17 -9.39 -9.78 -3.58
N ASN A 18 -10.59 -9.89 -4.15
CA ASN A 18 -10.73 -10.06 -5.60
C ASN A 18 -10.02 -8.91 -6.39
N ARG A 19 -10.28 -7.66 -5.95
CA ARG A 19 -9.63 -6.51 -6.56
C ARG A 19 -8.10 -6.64 -6.46
N PHE A 20 -7.60 -6.87 -5.24
CA PHE A 20 -6.14 -7.09 -5.07
C PHE A 20 -5.55 -8.12 -6.04
N ASP A 21 -6.13 -9.32 -6.09
CA ASP A 21 -5.63 -10.40 -6.93
C ASP A 21 -5.68 -10.00 -8.41
N SER A 22 -6.76 -9.33 -8.81
CA SER A 22 -6.87 -8.83 -10.15
C SER A 22 -5.79 -7.83 -10.49
N LEU A 23 -5.52 -6.91 -9.56
CA LEU A 23 -4.44 -5.94 -9.75
C LEU A 23 -3.11 -6.60 -9.99
N ILE A 24 -2.74 -7.59 -9.18
CA ILE A 24 -1.44 -8.28 -9.33
C ILE A 24 -1.33 -9.01 -10.64
N THR A 25 -2.36 -9.76 -11.00
CA THR A 25 -2.35 -10.45 -12.30
C THR A 25 -2.15 -9.48 -13.44
N GLU A 26 -2.93 -8.42 -13.44
CA GLU A 26 -2.87 -7.46 -14.52
C GLU A 26 -1.56 -6.70 -14.50
N LEU A 27 -1.06 -6.31 -13.32
CA LEU A 27 0.21 -5.63 -13.25
C LEU A 27 1.31 -6.51 -13.91
N GLY A 28 1.29 -7.82 -13.63
CA GLY A 28 2.26 -8.76 -14.26
C GLY A 28 2.18 -8.84 -15.77
N LYS A 29 0.96 -8.97 -16.29
CA LYS A 29 0.73 -8.91 -17.69
C LYS A 29 1.04 -7.58 -18.34
N GLU A 30 0.72 -6.44 -17.74
CA GLU A 30 1.02 -5.17 -18.41
C GLU A 30 2.50 -4.75 -18.34
N THR A 31 3.21 -5.10 -17.27
CA THR A 31 4.63 -4.78 -17.21
C THR A 31 5.46 -5.63 -18.21
N PRO A 32 6.26 -4.97 -19.07
CA PRO A 32 7.06 -5.67 -20.07
C PRO A 32 8.06 -6.61 -19.41
N LYS A 33 8.67 -6.21 -18.32
CA LYS A 33 9.57 -7.03 -17.52
C LYS A 33 8.81 -8.21 -16.82
N LYS A 34 9.42 -9.39 -16.70
CA LYS A 34 8.86 -10.43 -15.83
C LYS A 34 9.25 -10.05 -14.39
N HIS A 35 8.25 -9.91 -13.49
CA HIS A 35 8.53 -9.71 -12.07
C HIS A 35 8.16 -10.99 -11.33
N SER A 36 9.09 -11.55 -10.56
CA SER A 36 8.77 -12.82 -9.91
C SER A 36 7.82 -12.52 -8.74
N VAL A 37 7.00 -13.46 -8.32
CA VAL A 37 6.03 -13.21 -7.25
C VAL A 37 6.26 -14.18 -6.08
N LEU A 38 6.66 -13.67 -4.92
CA LEU A 38 6.75 -14.44 -3.68
C LEU A 38 5.60 -14.03 -2.74
N LYS A 39 4.89 -14.98 -2.13
CA LYS A 39 3.75 -14.65 -1.24
C LYS A 39 4.00 -15.19 0.12
N LEU A 40 3.86 -14.31 1.14
CA LEU A 40 3.96 -14.69 2.53
C LEU A 40 2.61 -14.49 3.15
N THR A 41 2.18 -15.48 3.94
CA THR A 41 1.00 -15.34 4.74
C THR A 41 1.40 -15.50 6.19
N VAL A 42 1.26 -14.43 6.97
CA VAL A 42 1.64 -14.51 8.38
C VAL A 42 0.47 -15.08 9.14
N GLN A 43 0.74 -16.16 9.89
CA GLN A 43 -0.24 -16.85 10.76
C GLN A 43 -0.54 -16.13 12.05
N THR A 44 -1.62 -16.49 12.72
CA THR A 44 -2.03 -15.69 13.87
C THR A 44 -1.11 -15.82 15.09
N ASP A 45 -0.18 -16.78 15.06
CA ASP A 45 0.83 -16.92 16.08
C ASP A 45 2.17 -16.34 15.59
N GLY A 46 2.20 -15.70 14.40
CA GLY A 46 3.42 -15.05 13.90
C GLY A 46 4.36 -15.88 13.06
N THR A 47 4.07 -17.16 12.89
CA THR A 47 4.83 -17.93 11.95
C THR A 47 4.36 -17.59 10.52
N ILE A 48 5.15 -17.99 9.52
CA ILE A 48 4.94 -17.52 8.15
C ILE A 48 4.82 -18.71 7.23
N LYS A 49 3.79 -18.70 6.41
CA LYS A 49 3.73 -19.63 5.27
C LYS A 49 4.19 -18.96 3.99
N TYR A 50 4.89 -19.68 3.10
CA TYR A 50 5.46 -19.11 1.85
C TYR A 50 4.97 -19.78 0.61
N SER A 51 4.78 -19.01 -0.43
CA SER A 51 4.33 -19.48 -1.72
C SER A 51 5.19 -18.73 -2.75
N GLY A 52 5.53 -19.37 -3.88
CA GLY A 52 6.22 -18.71 -5.02
C GLY A 52 7.69 -18.55 -4.72
N SER A 53 8.36 -17.57 -5.37
CA SER A 53 9.80 -17.34 -5.10
C SER A 53 10.35 -16.15 -5.83
N ILE A 54 11.53 -15.69 -5.43
CA ILE A 54 12.24 -14.62 -6.09
C ILE A 54 13.30 -15.27 -6.98
N ALA A 55 13.27 -14.97 -8.28
CA ALA A 55 14.31 -15.36 -9.21
C ALA A 55 15.64 -14.75 -8.74
N ALA A 56 16.77 -15.49 -8.86
CA ALA A 56 18.06 -14.97 -8.32
C ALA A 56 18.64 -13.77 -9.05
N ASN A 57 18.21 -13.54 -10.28
CA ASN A 57 18.63 -12.31 -11.00
C ASN A 57 17.54 -11.23 -11.12
N ASP A 58 16.40 -11.39 -10.46
CA ASP A 58 15.28 -10.39 -10.55
C ASP A 58 15.63 -9.20 -9.61
N ASN A 59 15.80 -8.01 -10.21
CA ASN A 59 16.14 -6.77 -9.52
C ASN A 59 14.86 -6.13 -8.87
N GLU A 60 13.68 -6.55 -9.28
CA GLU A 60 12.42 -5.93 -8.81
C GLU A 60 11.31 -6.95 -8.57
N PRO A 61 11.54 -7.85 -7.57
CA PRO A 61 10.51 -8.84 -7.34
C PRO A 61 9.31 -8.23 -6.61
N PHE A 62 8.13 -8.82 -6.86
CA PHE A 62 6.91 -8.46 -6.18
C PHE A 62 6.83 -9.39 -4.99
N ILE A 63 6.70 -8.85 -3.81
CA ILE A 63 6.50 -9.69 -2.64
C ILE A 63 5.13 -9.33 -1.99
N VAL A 64 4.18 -10.29 -1.95
CA VAL A 64 2.88 -10.02 -1.31
C VAL A 64 3.03 -10.48 0.12
N ILE A 65 2.64 -9.64 1.06
CA ILE A 65 2.59 -10.04 2.46
C ILE A 65 1.18 -9.85 2.96
N GLY A 66 0.49 -10.95 3.29
CA GLY A 66 -0.82 -10.84 3.93
C GLY A 66 -0.92 -11.67 5.18
N PHE A 67 -2.11 -11.71 5.73
CA PHE A 67 -2.28 -12.24 7.10
C PHE A 67 -3.44 -13.21 7.17
N ALA A 68 -3.28 -14.31 7.92
CA ALA A 68 -4.38 -15.24 8.20
C ALA A 68 -5.48 -14.40 8.84
N ASN A 69 -5.11 -13.53 9.78
CA ASN A 69 -6.15 -12.61 10.35
C ASN A 69 -6.05 -11.31 9.60
N ASN A 70 -6.88 -11.18 8.55
CA ASN A 70 -6.88 -9.95 7.72
C ASN A 70 -8.10 -9.08 7.95
N ARG A 71 -8.71 -9.18 9.12
CA ARG A 71 -9.97 -8.48 9.42
C ARG A 71 -9.84 -7.01 9.77
N ASP A 72 -10.98 -6.32 9.79
CA ASP A 72 -10.97 -4.86 9.83
C ASP A 72 -10.77 -4.45 11.26
N GLY A 73 -10.50 -3.16 11.46
CA GLY A 73 -10.62 -2.51 12.76
C GLY A 73 -9.26 -2.34 13.41
N LYS A 74 -9.15 -1.32 14.29
CA LYS A 74 -7.88 -0.97 14.93
C LYS A 74 -7.22 -2.15 15.66
N ALA A 75 -8.00 -2.93 16.42
CA ALA A 75 -7.41 -4.01 17.15
C ALA A 75 -6.65 -4.97 16.20
N ASN A 76 -7.23 -5.25 15.01
CA ASN A 76 -6.58 -6.08 14.08
C ASN A 76 -5.42 -5.40 13.34
N ILE A 77 -5.59 -4.14 13.03
CA ILE A 77 -4.60 -3.39 12.31
C ILE A 77 -3.34 -3.28 13.18
N ASP A 78 -3.52 -3.10 14.50
CA ASP A 78 -2.32 -3.00 15.38
C ASP A 78 -1.52 -4.31 15.36
N LYS A 79 -2.20 -5.46 15.33
CA LYS A 79 -1.50 -6.78 15.16
C LYS A 79 -0.90 -6.97 13.78
N GLN A 80 -1.60 -6.56 12.74
CA GLN A 80 -1.09 -6.73 11.37
C GLN A 80 0.19 -5.92 11.14
N ALA A 81 0.32 -4.80 11.82
CA ALA A 81 1.56 -4.01 11.73
C ALA A 81 2.72 -4.72 12.38
N VAL A 82 2.49 -5.44 13.48
CA VAL A 82 3.49 -6.31 14.08
C VAL A 82 3.79 -7.48 13.21
N TRP A 83 2.76 -8.17 12.69
CA TRP A 83 3.02 -9.24 11.74
C TRP A 83 3.79 -8.79 10.48
N LEU A 84 3.48 -7.59 9.98
CA LEU A 84 4.22 -7.04 8.82
C LEU A 84 5.70 -6.89 9.14
N ASN A 85 5.97 -6.35 10.32
CA ASN A 85 7.35 -6.21 10.80
C ASN A 85 7.98 -7.60 10.97
N THR A 86 7.20 -8.58 11.48
CA THR A 86 7.73 -9.95 11.54
C THR A 86 8.13 -10.46 10.15
N ALA A 87 7.29 -10.23 9.13
CA ALA A 87 7.57 -10.75 7.83
C ALA A 87 8.72 -9.94 7.23
N PHE A 88 8.70 -8.64 7.44
CA PHE A 88 9.73 -7.79 6.86
C PHE A 88 11.08 -8.22 7.42
N LYS A 89 11.16 -8.46 8.73
CA LYS A 89 12.43 -8.89 9.29
C LYS A 89 12.88 -10.23 8.78
N ALA A 90 11.95 -11.14 8.55
CA ALA A 90 12.32 -12.45 7.98
C ALA A 90 12.90 -12.26 6.58
N LEU A 91 12.34 -11.30 5.82
CA LEU A 91 12.83 -11.05 4.46
C LEU A 91 14.22 -10.39 4.43
N VAL A 92 14.47 -9.43 5.31
CA VAL A 92 15.76 -8.84 5.31
C VAL A 92 16.84 -9.80 5.85
N LYS A 93 16.43 -10.83 6.60
CA LYS A 93 17.35 -11.92 7.01
C LYS A 93 17.63 -12.94 5.91
N THR A 94 16.90 -12.91 4.82
CA THR A 94 17.07 -13.87 3.73
C THR A 94 17.68 -13.18 2.50
N TYR A 95 17.19 -11.99 2.20
CA TYR A 95 17.58 -11.29 0.99
C TYR A 95 18.28 -10.01 1.31
N HIS A 96 19.25 -9.68 0.50
CA HIS A 96 19.96 -8.45 0.70
C HIS A 96 19.34 -7.32 -0.20
N PHE A 97 18.46 -6.52 0.38
CA PHE A 97 18.00 -5.33 -0.30
C PHE A 97 18.10 -4.19 0.68
N ASN A 98 18.54 -3.02 0.24
CA ASN A 98 18.53 -1.92 1.20
C ASN A 98 17.59 -0.78 0.83
N HIS A 99 16.77 -1.01 -0.17
CA HIS A 99 15.80 -0.04 -0.70
C HIS A 99 14.56 -0.87 -1.08
N PHE A 100 13.35 -0.35 -0.88
CA PHE A 100 12.14 -1.05 -1.37
C PHE A 100 11.01 -0.05 -1.66
N TYR A 101 10.00 -0.52 -2.38
CA TYR A 101 8.78 0.22 -2.58
C TYR A 101 7.60 -0.55 -1.93
N ALA A 102 6.60 0.22 -1.54
CA ALA A 102 5.48 -0.38 -0.84
C ALA A 102 4.17 -0.03 -1.51
N LEU A 103 3.28 -1.05 -1.64
CA LEU A 103 1.93 -0.84 -2.08
C LEU A 103 1.02 -1.35 -0.98
N GLY A 104 0.06 -0.53 -0.55
CA GLY A 104 -0.95 -0.91 0.45
C GLY A 104 -2.35 -0.75 -0.11
N HIS A 105 -3.09 -1.85 -0.19
CA HIS A 105 -4.44 -1.76 -0.69
C HIS A 105 -5.41 -1.75 0.48
N SER A 106 -6.32 -0.77 0.48
CA SER A 106 -7.38 -0.75 1.50
C SER A 106 -6.69 -0.69 2.88
N ASN A 107 -7.05 -1.54 3.84
CA ASN A 107 -6.36 -1.52 5.15
C ASN A 107 -4.85 -1.73 5.03
N GLY A 108 -4.41 -2.35 3.95
CA GLY A 108 -2.96 -2.51 3.74
C GLY A 108 -2.22 -1.18 3.82
N GLY A 109 -2.87 -0.09 3.41
CA GLY A 109 -2.20 1.23 3.44
C GLY A 109 -1.98 1.70 4.88
N LEU A 110 -2.98 1.45 5.75
CA LEU A 110 -2.86 1.73 7.19
C LEU A 110 -1.82 0.85 7.89
N ILE A 111 -1.88 -0.44 7.57
CA ILE A 111 -0.83 -1.37 8.07
C ILE A 111 0.58 -0.88 7.71
N TRP A 112 0.80 -0.56 6.43
CA TRP A 112 2.09 0.01 5.99
C TRP A 112 2.39 1.28 6.77
N THR A 113 1.38 2.14 6.95
CA THR A 113 1.73 3.43 7.57
C THR A 113 2.23 3.26 8.99
N LEU A 114 1.53 2.43 9.75
CA LEU A 114 1.83 2.24 11.13
C LEU A 114 3.24 1.56 11.21
N PHE A 115 3.47 0.55 10.38
CA PHE A 115 4.80 -0.09 10.31
C PHE A 115 5.89 0.97 10.04
N LEU A 116 5.63 1.91 9.09
CA LEU A 116 6.67 2.86 8.72
C LEU A 116 6.94 3.86 9.85
N GLU A 117 5.89 4.21 10.59
CA GLU A 117 6.01 5.21 11.67
C GLU A 117 6.73 4.61 12.88
N ARG A 118 6.47 3.32 13.18
CA ARG A 118 6.90 2.69 14.43
C ARG A 118 8.00 1.63 14.33
N TYR A 119 8.02 0.87 13.22
CA TYR A 119 8.81 -0.37 13.20
C TYR A 119 9.91 -0.40 12.18
N LEU A 120 9.80 0.40 11.14
CA LEU A 120 10.88 0.36 10.12
C LEU A 120 12.27 0.76 10.71
N LYS A 121 12.30 1.74 11.61
CA LYS A 121 13.56 2.10 12.32
C LYS A 121 14.26 0.89 12.98
N GLU A 122 13.63 -0.29 13.08
CA GLU A 122 14.32 -1.45 13.67
C GLU A 122 15.22 -2.13 12.67
N SER A 123 15.03 -1.84 11.36
CA SER A 123 15.93 -2.31 10.30
C SER A 123 16.57 -1.06 9.69
N PRO A 124 17.48 -0.41 10.45
CA PRO A 124 17.83 0.96 10.08
C PRO A 124 18.63 1.07 8.75
N LYS A 125 19.18 -0.03 8.24
CA LYS A 125 19.92 0.02 6.98
C LYS A 125 19.02 -0.13 5.72
N VAL A 126 17.72 -0.35 5.92
CA VAL A 126 16.79 -0.61 4.83
C VAL A 126 15.84 0.58 4.66
N HIS A 127 15.87 1.23 3.51
CA HIS A 127 15.02 2.42 3.35
C HIS A 127 13.88 2.25 2.34
N ILE A 128 12.74 2.92 2.59
CA ILE A 128 11.63 2.91 1.65
C ILE A 128 11.80 4.11 0.74
N ASP A 129 11.57 3.94 -0.56
CA ASP A 129 11.71 5.04 -1.52
C ASP A 129 10.35 5.64 -1.85
N ARG A 130 9.38 4.75 -2.09
CA ARG A 130 8.04 5.16 -2.50
C ARG A 130 6.96 4.28 -1.84
N LEU A 131 5.87 4.91 -1.42
CA LEU A 131 4.61 4.31 -0.91
C LEU A 131 3.38 4.72 -1.73
N MET A 132 2.64 3.76 -2.23
CA MET A 132 1.31 4.06 -2.79
C MET A 132 0.25 3.34 -1.94
N THR A 133 -0.79 4.09 -1.60
CA THR A 133 -1.93 3.49 -0.91
C THR A 133 -3.17 3.61 -1.76
N ILE A 134 -4.04 2.63 -1.66
CA ILE A 134 -5.26 2.63 -2.49
C ILE A 134 -6.46 2.60 -1.60
N ALA A 135 -7.25 3.68 -1.61
CA ALA A 135 -8.47 3.72 -0.79
C ALA A 135 -8.29 3.27 0.66
N SER A 136 -7.30 3.84 1.34
CA SER A 136 -7.00 3.38 2.69
C SER A 136 -7.80 4.23 3.65
N PRO A 137 -8.60 3.60 4.54
CA PRO A 137 -9.45 4.34 5.42
C PRO A 137 -8.76 4.94 6.67
N TYR A 138 -8.06 6.07 6.48
CA TYR A 138 -7.29 6.66 7.58
C TYR A 138 -8.12 7.07 8.81
N ASN A 139 -9.42 7.33 8.62
CA ASN A 139 -10.32 7.58 9.68
C ASN A 139 -11.39 6.48 9.79
N MET A 140 -11.03 5.27 9.41
CA MET A 140 -11.90 4.10 9.57
C MET A 140 -13.22 4.31 8.82
N GLU A 141 -14.35 4.02 9.45
CA GLU A 141 -15.64 4.01 8.74
C GLU A 141 -16.36 5.38 8.92
N SER A 142 -15.79 6.30 9.71
CA SER A 142 -16.37 7.63 9.87
C SER A 142 -16.59 8.40 8.55
N THR A 143 -17.73 9.08 8.45
CA THR A 143 -17.99 10.03 7.36
C THR A 143 -17.72 11.47 7.81
N SER A 144 -17.11 11.64 8.98
CA SER A 144 -16.93 12.97 9.58
C SER A 144 -15.79 13.75 8.89
N THR A 145 -15.78 15.08 8.97
CA THR A 145 -14.58 15.83 8.57
C THR A 145 -13.86 16.40 9.79
N THR A 146 -14.40 16.16 10.99
CA THR A 146 -13.76 16.75 12.17
C THR A 146 -13.51 15.69 13.25
N ALA A 147 -14.26 14.61 13.31
CA ALA A 147 -14.09 13.65 14.41
C ALA A 147 -12.91 12.71 14.16
N LYS A 148 -12.15 12.39 15.20
CA LYS A 148 -10.93 11.58 14.96
C LYS A 148 -11.18 10.23 15.57
N THR A 149 -11.19 9.21 14.74
CA THR A 149 -11.24 7.85 15.28
C THR A 149 -9.95 7.53 16.04
N SER A 150 -10.07 6.50 16.86
CA SER A 150 -8.96 5.98 17.64
C SER A 150 -7.82 5.55 16.69
N MET A 151 -8.19 4.87 15.59
CA MET A 151 -7.25 4.51 14.52
C MET A 151 -6.49 5.72 14.03
N PHE A 152 -7.20 6.75 13.59
CA PHE A 152 -6.50 7.90 13.06
C PHE A 152 -5.64 8.56 14.17
N LYS A 153 -6.11 8.59 15.40
CA LYS A 153 -5.36 9.20 16.54
C LYS A 153 -3.99 8.53 16.65
N GLU A 154 -3.93 7.21 16.45
CA GLU A 154 -2.68 6.51 16.58
C GLU A 154 -1.80 6.80 15.36
N LEU A 155 -2.34 6.75 14.13
CA LEU A 155 -1.51 7.13 12.95
C LEU A 155 -1.04 8.58 12.99
N TYR A 156 -1.84 9.48 13.57
CA TYR A 156 -1.42 10.90 13.55
C TYR A 156 -0.39 11.10 14.62
N ARG A 157 -0.58 10.43 15.75
CA ARG A 157 0.35 10.59 16.87
C ARG A 157 1.77 10.16 16.52
N TYR A 158 1.92 9.15 15.67
CA TYR A 158 3.26 8.70 15.35
C TYR A 158 3.78 9.15 13.98
N ARG A 159 3.14 10.13 13.39
CA ARG A 159 3.47 10.50 11.98
C ARG A 159 4.87 11.04 11.91
N THR A 160 5.41 11.64 12.99
CA THR A 160 6.79 12.12 12.93
C THR A 160 7.83 10.99 12.82
N GLY A 161 7.44 9.75 13.10
CA GLY A 161 8.32 8.63 12.84
C GLY A 161 8.48 8.33 11.34
N LEU A 162 7.65 8.91 10.45
CA LEU A 162 7.77 8.60 9.01
C LEU A 162 9.14 9.02 8.48
N PRO A 163 9.65 8.30 7.49
CA PRO A 163 10.92 8.73 6.87
C PRO A 163 10.76 9.98 6.03
N GLU A 164 11.64 10.97 6.25
CA GLU A 164 11.51 12.25 5.57
C GLU A 164 11.82 12.17 4.07
N SER A 165 12.61 11.22 3.60
CA SER A 165 12.89 11.24 2.16
C SER A 165 11.85 10.43 1.30
N LEU A 166 10.79 9.90 1.92
CA LEU A 166 9.70 9.16 1.24
C LEU A 166 8.80 9.97 0.31
N THR A 167 8.36 9.31 -0.76
CA THR A 167 7.39 9.85 -1.71
C THR A 167 6.14 9.02 -1.59
N VAL A 168 5.00 9.68 -1.33
CA VAL A 168 3.75 9.02 -1.10
C VAL A 168 2.68 9.41 -2.11
N TYR A 169 2.08 8.37 -2.71
CA TYR A 169 0.84 8.50 -3.55
C TYR A 169 -0.37 7.86 -2.88
N SER A 170 -1.44 8.65 -2.73
CA SER A 170 -2.65 8.15 -2.14
C SER A 170 -3.79 8.24 -3.18
N ILE A 171 -4.25 7.08 -3.67
CA ILE A 171 -5.41 6.99 -4.59
C ILE A 171 -6.67 6.91 -3.77
N ALA A 172 -7.67 7.73 -4.13
CA ALA A 172 -9.01 7.68 -3.55
C ALA A 172 -10.09 7.78 -4.65
N GLY A 173 -11.23 7.19 -4.37
CA GLY A 173 -12.41 7.47 -5.18
C GLY A 173 -13.21 8.63 -4.61
N THR A 174 -14.40 8.86 -5.14
CA THR A 174 -15.22 9.95 -4.61
C THR A 174 -16.48 9.48 -3.87
N GLU A 175 -16.58 8.18 -3.65
CA GLU A 175 -17.71 7.55 -2.96
C GLU A 175 -17.70 7.94 -1.48
N ASN A 176 -18.81 8.44 -0.94
CA ASN A 176 -18.83 8.90 0.46
C ASN A 176 -19.96 8.23 1.26
N TYR A 177 -20.10 6.93 1.04
CA TYR A 177 -20.99 6.08 1.81
C TYR A 177 -20.17 4.89 2.35
N THR A 178 -20.79 4.11 3.24
CA THR A 178 -20.16 2.94 3.94
C THR A 178 -20.69 1.54 3.52
N SER A 179 -21.79 1.52 2.76
CA SER A 179 -22.42 0.26 2.37
C SER A 179 -21.36 -0.67 1.94
N ASP A 180 -21.47 -1.90 2.39
CA ASP A 180 -20.34 -2.78 2.26
C ASP A 180 -20.14 -3.42 0.87
N GLY A 181 -18.86 -3.57 0.53
CA GLY A 181 -17.79 -2.94 1.32
C GLY A 181 -17.44 -1.64 0.58
N THR A 182 -17.44 -0.51 1.30
CA THR A 182 -16.84 0.71 0.76
C THR A 182 -16.37 1.62 1.92
N VAL A 183 -15.34 2.41 1.69
CA VAL A 183 -14.85 3.34 2.68
C VAL A 183 -15.23 4.77 2.16
N PRO A 184 -15.58 5.69 3.08
CA PRO A 184 -15.97 7.01 2.61
C PRO A 184 -14.78 7.85 2.21
N TYR A 185 -14.99 8.65 1.20
CA TYR A 185 -14.00 9.60 0.76
C TYR A 185 -13.48 10.46 1.93
N ASN A 186 -14.35 10.90 2.84
CA ASN A 186 -13.92 11.74 4.00
C ASN A 186 -12.91 11.04 4.89
N SER A 187 -13.00 9.73 5.02
CA SER A 187 -12.02 8.95 5.79
C SER A 187 -10.66 8.79 5.04
N VAL A 188 -10.68 8.40 3.76
CA VAL A 188 -9.44 8.30 2.96
C VAL A 188 -8.71 9.63 2.96
N ASN A 189 -9.46 10.73 2.94
CA ASN A 189 -8.88 12.06 2.87
C ASN A 189 -8.09 12.46 4.13
N TYR A 190 -8.29 11.78 5.26
CA TYR A 190 -7.49 12.07 6.48
C TYR A 190 -6.00 11.71 6.29
N GLY A 191 -5.72 10.94 5.25
CA GLY A 191 -4.32 10.62 4.81
C GLY A 191 -3.44 11.89 4.76
N LYS A 192 -3.97 12.99 4.22
CA LYS A 192 -3.15 14.18 4.05
C LYS A 192 -2.68 14.78 5.39
N TYR A 193 -3.44 14.59 6.48
CA TYR A 193 -2.99 15.07 7.80
C TYR A 193 -1.81 14.30 8.37
N ILE A 194 -1.71 13.05 8.00
CA ILE A 194 -0.59 12.20 8.38
C ILE A 194 0.64 12.57 7.54
N PHE A 195 0.47 12.71 6.24
CA PHE A 195 1.62 12.74 5.34
C PHE A 195 2.17 14.14 5.01
N GLN A 196 1.31 15.17 4.88
CA GLN A 196 1.78 16.41 4.29
C GLN A 196 2.79 17.02 5.29
N ASP A 197 3.90 17.49 4.77
CA ASP A 197 4.99 18.00 5.66
C ASP A 197 5.64 16.99 6.62
N GLN A 198 5.33 15.72 6.49
CA GLN A 198 6.09 14.67 7.19
C GLN A 198 6.95 13.90 6.21
N VAL A 199 6.64 13.97 4.90
CA VAL A 199 7.39 13.24 3.89
C VAL A 199 7.81 14.23 2.78
N LYS A 200 8.79 13.86 1.96
CA LYS A 200 9.27 14.70 0.84
C LYS A 200 8.16 15.15 -0.15
N HIS A 201 7.32 14.20 -0.61
CA HIS A 201 6.22 14.55 -1.51
C HIS A 201 5.03 13.72 -1.17
N PHE A 202 3.85 14.36 -1.19
CA PHE A 202 2.58 13.67 -1.02
C PHE A 202 1.67 14.02 -2.17
N THR A 203 1.12 13.00 -2.81
CA THR A 203 0.29 13.20 -4.04
C THR A 203 -1.04 12.46 -3.94
N GLU A 204 -2.16 13.19 -4.02
CA GLU A 204 -3.47 12.60 -4.06
C GLU A 204 -3.89 12.42 -5.49
N ILE A 205 -4.51 11.26 -5.77
CA ILE A 205 -4.93 10.90 -7.13
C ILE A 205 -6.33 10.37 -7.00
N THR A 206 -7.23 10.78 -7.90
CA THR A 206 -8.58 10.26 -7.92
C THR A 206 -8.75 9.17 -8.95
N VAL A 207 -9.38 8.07 -8.53
CA VAL A 207 -9.86 7.05 -9.44
C VAL A 207 -11.30 6.78 -9.01
N THR A 208 -12.25 6.97 -9.93
CA THR A 208 -13.63 6.89 -9.50
C THR A 208 -13.96 5.44 -9.25
N GLY A 209 -14.63 5.14 -8.13
CA GLY A 209 -14.91 3.77 -7.76
C GLY A 209 -13.86 3.07 -6.92
N ALA A 210 -12.71 3.70 -6.72
CA ALA A 210 -11.59 3.04 -6.00
C ALA A 210 -11.93 2.75 -4.55
N ASN A 211 -12.94 3.44 -3.99
CA ASN A 211 -13.30 3.23 -2.57
C ASN A 211 -14.18 1.99 -2.34
N THR A 212 -14.72 1.40 -3.43
CA THR A 212 -15.64 0.28 -3.31
C THR A 212 -14.82 -0.98 -3.18
N ALA A 213 -15.37 -1.94 -2.45
CA ALA A 213 -14.76 -3.26 -2.27
C ALA A 213 -14.75 -4.04 -3.57
N HIS A 214 -15.90 -4.09 -4.23
CA HIS A 214 -16.08 -4.80 -5.50
C HIS A 214 -15.51 -3.97 -6.65
N SER A 215 -14.48 -4.46 -7.29
CA SER A 215 -13.84 -3.71 -8.35
C SER A 215 -14.62 -3.83 -9.66
N ASP A 216 -14.14 -3.12 -10.69
CA ASP A 216 -14.51 -3.45 -12.04
C ASP A 216 -13.36 -3.20 -12.99
N LEU A 217 -13.51 -3.71 -14.20
CA LEU A 217 -12.42 -3.65 -15.16
C LEU A 217 -11.87 -2.24 -15.35
N PRO A 218 -12.75 -1.25 -15.67
CA PRO A 218 -12.18 0.02 -16.03
C PRO A 218 -11.38 0.62 -14.89
N GLN A 219 -11.84 0.47 -13.65
CA GLN A 219 -11.06 0.99 -12.53
C GLN A 219 -9.73 0.28 -12.27
N ASN A 220 -9.69 -1.05 -12.42
CA ASN A 220 -8.42 -1.77 -12.27
C ASN A 220 -7.37 -1.39 -13.33
N LYS A 221 -7.80 -1.19 -14.56
CA LYS A 221 -6.85 -0.73 -15.61
C LYS A 221 -6.18 0.60 -15.28
N GLN A 222 -6.95 1.57 -14.80
CA GLN A 222 -6.43 2.88 -14.37
C GLN A 222 -5.49 2.71 -13.19
N ILE A 223 -5.86 1.89 -12.21
CA ILE A 223 -5.03 1.69 -11.07
C ILE A 223 -3.70 1.04 -11.46
N VAL A 224 -3.74 0.00 -12.29
CA VAL A 224 -2.48 -0.67 -12.77
C VAL A 224 -1.65 0.35 -13.58
N SER A 225 -2.33 1.21 -14.35
CA SER A 225 -1.61 2.20 -15.12
C SER A 225 -0.84 3.16 -14.13
N LEU A 226 -1.45 3.51 -13.01
CA LEU A 226 -0.85 4.46 -12.06
C LEU A 226 0.25 3.83 -11.28
N ILE A 227 0.07 2.55 -10.95
CA ILE A 227 1.09 1.84 -10.20
C ILE A 227 2.32 1.83 -11.07
N ARG A 228 2.14 1.45 -12.33
CA ARG A 228 3.29 1.48 -13.29
C ARG A 228 3.98 2.87 -13.44
N GLN A 229 3.21 3.92 -13.67
CA GLN A 229 3.73 5.25 -13.82
C GLN A 229 4.38 5.84 -12.55
N TYR A 230 3.77 5.67 -11.39
CA TYR A 230 4.22 6.40 -10.19
C TYR A 230 4.92 5.49 -9.20
N LEU A 231 4.46 4.26 -9.02
CA LEU A 231 5.12 3.39 -8.01
C LEU A 231 6.36 2.77 -8.60
N LEU A 232 6.21 2.22 -9.81
CA LEU A 232 7.32 1.56 -10.51
C LEU A 232 8.16 2.55 -11.31
N ALA A 233 7.66 3.77 -11.53
CA ALA A 233 8.35 4.79 -12.33
C ALA A 233 8.79 4.29 -13.72
N GLU A 234 7.90 3.57 -14.38
CA GLU A 234 8.14 3.03 -15.70
C GLU A 234 7.90 4.14 -16.71
N THR A 235 8.64 4.15 -17.83
CA THR A 235 8.38 5.16 -18.85
C THR A 235 7.07 4.76 -19.59
N MET A 236 6.09 5.68 -19.69
CA MET A 236 4.72 5.31 -20.18
C MET A 236 4.54 6.01 -21.55
N PRO A 237 3.55 5.56 -22.37
CA PRO A 237 3.29 6.32 -23.62
C PRO A 237 2.81 7.75 -23.28
N ASP A 238 3.14 8.71 -24.14
CA ASP A 238 2.94 10.14 -23.79
C ASP A 238 1.50 10.51 -23.39
N LYS A 239 0.55 9.92 -24.09
CA LYS A 239 -0.86 10.25 -23.88
C LYS A 239 -1.35 9.59 -22.58
N VAL A 240 -0.82 8.43 -22.27
CA VAL A 240 -1.14 7.77 -21.00
C VAL A 240 -0.59 8.57 -19.79
N ARG A 241 0.65 9.01 -19.90
CA ARG A 241 1.30 9.78 -18.86
C ARG A 241 0.53 11.04 -18.62
N GLN A 242 0.19 11.74 -19.70
CA GLN A 242 -0.49 13.04 -19.59
C GLN A 242 -1.86 12.91 -18.93
N LYS A 243 -2.61 11.87 -19.31
CA LYS A 243 -3.91 11.58 -18.79
C LYS A 243 -3.83 11.19 -17.29
N ASN A 244 -2.84 10.38 -16.92
CA ASN A 244 -2.68 9.99 -15.49
C ASN A 244 -2.33 11.21 -14.65
N ALA A 245 -1.45 12.06 -15.22
CA ALA A 245 -1.07 13.36 -14.62
C ALA A 245 -2.30 14.20 -14.27
N GLN A 246 -3.34 14.11 -15.08
CA GLN A 246 -4.51 14.92 -14.86
C GLN A 246 -5.44 14.32 -13.81
N ARG A 247 -5.18 13.08 -13.40
CA ARG A 247 -5.85 12.47 -12.23
C ARG A 247 -5.33 12.97 -10.86
N VAL A 248 -4.14 13.54 -10.84
CA VAL A 248 -3.58 14.15 -9.59
C VAL A 248 -4.44 15.36 -9.14
N GLN A 249 -4.81 15.39 -7.86
CA GLN A 249 -5.76 16.38 -7.29
C GLN A 249 -5.04 17.55 -6.61
N ASN A 250 -3.73 17.42 -6.41
CA ASN A 250 -2.95 18.48 -5.75
C ASN A 250 -1.65 18.73 -6.49
NA NA B . 0.62 -10.22 18.27
NA NA C . 5.53 -8.35 -16.30
#